data_7CO7
#
_entry.id   7CO7
#
_cell.length_a   179.100
_cell.length_b   179.100
_cell.length_c   179.100
_cell.angle_alpha   90.000
_cell.angle_beta   90.000
_cell.angle_gamma   90.000
#
_symmetry.space_group_name_H-M   'F 2 3'
#
loop_
_entity.id
_entity.type
_entity.pdbx_description
1 polymer 'decapeptide SVRDELRWVF'
2 polymer 'AlgW protein'
3 non-polymer '3-CYCLOHEXYL-1-PROPYLSULFONIC ACID'
4 water water
#
loop_
_entity_poly.entity_id
_entity_poly.type
_entity_poly.pdbx_seq_one_letter_code
_entity_poly.pdbx_strand_id
1 'polypeptide(L)' SVRDELRWVF C
2 'polypeptide(L)'
;VSYANAVSRAAPAVANLYTTKMVSKPSHPLFDDPMFRRFFGDNLPQQKRMESSLGSAVIMSAEGYLLTNNHVTAGADQII
VALRDGRETIAQLVGSDPETDLAVLKIDLKNLPAMTLGRSDGIRTGDVCLAIGNPFGVGQTVTMGIISATGRNQLGLNTY
EDFIQTDAAINPGNAGGALVDAAGNLIGINTAIFSKSGGSQGIGFAIPTKLALEVMQSIIEHGQVIRGWLGVEVKALTPE
LAESLGLGETAGIVVAGVYRDGPAARGGLLPGDVILTIDKQEASDGRRSMNQVARTRPGQKISIVVLRNGQKVNLTAEVG
LRPPPAPAP
;
D
#
loop_
_chem_comp.id
_chem_comp.type
_chem_comp.name
_chem_comp.formula
CXS non-polymer '3-CYCLOHEXYL-1-PROPYLSULFONIC ACID' 'C9 H19 N O3 S'
#
# COMPACT_ATOMS: atom_id res chain seq x y z
N ASP A 4 15.12 -18.84 -9.21
CA ASP A 4 14.50 -18.43 -10.48
C ASP A 4 14.65 -16.94 -10.84
N GLU A 5 13.77 -16.46 -11.73
CA GLU A 5 13.90 -15.09 -12.19
C GLU A 5 12.67 -14.28 -11.77
N LEU A 6 12.88 -13.33 -10.86
CA LEU A 6 11.89 -12.40 -10.35
C LEU A 6 12.44 -10.99 -10.55
N ARG A 7 11.59 -10.05 -10.92
CA ARG A 7 12.05 -8.74 -11.38
C ARG A 7 11.47 -7.59 -10.57
N TRP A 8 12.37 -6.77 -10.05
CA TRP A 8 12.07 -5.53 -9.32
C TRP A 8 12.22 -4.35 -10.27
N VAL A 9 11.41 -3.30 -10.08
CA VAL A 9 11.38 -2.22 -11.06
C VAL A 9 11.38 -0.86 -10.38
N PHE A 10 12.47 -0.11 -10.56
CA PHE A 10 12.50 1.24 -10.05
C PHE A 10 13.28 2.20 -10.94
N VAL B 1 -8.81 -8.98 33.00
CA VAL B 1 -8.47 -7.58 32.73
C VAL B 1 -9.51 -7.04 31.73
N SER B 2 -9.29 -5.84 31.23
CA SER B 2 -10.25 -5.23 30.32
C SER B 2 -9.56 -4.21 29.45
N TYR B 3 -10.05 -4.07 28.22
CA TYR B 3 -9.52 -3.09 27.27
C TYR B 3 -10.56 -2.05 26.92
N ALA B 4 -11.59 -1.92 27.77
CA ALA B 4 -12.65 -0.96 27.51
C ALA B 4 -12.17 0.49 27.56
N ASN B 5 -11.10 0.79 28.32
CA ASN B 5 -10.59 2.16 28.31
C ASN B 5 -9.85 2.47 27.01
N ALA B 6 -9.03 1.53 26.53
CA ALA B 6 -8.48 1.70 25.18
C ALA B 6 -9.61 1.86 24.15
N VAL B 7 -10.64 1.02 24.23
CA VAL B 7 -11.74 1.13 23.26
C VAL B 7 -12.37 2.50 23.36
N SER B 8 -12.50 3.03 24.58
CA SER B 8 -13.14 4.34 24.71
C SER B 8 -12.27 5.44 24.13
N ARG B 9 -10.94 5.29 24.21
CA ARG B 9 -10.04 6.33 23.72
C ARG B 9 -10.00 6.41 22.20
N ALA B 10 -9.97 5.25 21.52
CA ALA B 10 -9.74 5.19 20.09
C ALA B 10 -11.01 5.00 19.28
N ALA B 11 -11.95 4.20 19.79
CA ALA B 11 -13.14 3.89 19.03
C ALA B 11 -13.80 5.13 18.44
N PRO B 12 -13.95 6.24 19.16
CA PRO B 12 -14.65 7.38 18.53
C PRO B 12 -13.93 7.91 17.31
N ALA B 13 -12.64 7.64 17.15
CA ALA B 13 -11.87 8.14 16.02
C ALA B 13 -11.88 7.20 14.81
N VAL B 14 -12.54 6.05 14.91
CA VAL B 14 -12.69 5.10 13.81
C VAL B 14 -14.08 5.30 13.23
N ALA B 15 -14.18 5.45 11.91
CA ALA B 15 -15.45 5.68 11.24
C ALA B 15 -15.78 4.57 10.25
N ASN B 16 -17.05 4.51 9.85
CA ASN B 16 -17.51 3.58 8.83
C ASN B 16 -17.58 4.30 7.49
N LEU B 17 -17.14 3.61 6.42
CA LEU B 17 -17.17 4.09 5.04
C LEU B 17 -18.22 3.36 4.23
N TYR B 18 -19.05 4.10 3.51
CA TYR B 18 -19.96 3.52 2.53
C TYR B 18 -19.68 4.19 1.19
N THR B 19 -19.22 3.43 0.20
CA THR B 19 -18.88 3.97 -1.12
C THR B 19 -19.74 3.31 -2.18
N THR B 20 -20.19 4.10 -3.16
CA THR B 20 -20.93 3.58 -4.30
C THR B 20 -20.16 3.92 -5.55
N LYS B 21 -20.32 3.10 -6.58
CA LYS B 21 -19.59 3.23 -7.83
C LYS B 21 -20.43 2.69 -8.96
N MET B 22 -20.43 3.41 -10.09
CA MET B 22 -21.07 2.95 -11.30
C MET B 22 -20.11 2.10 -12.10
N VAL B 23 -20.57 0.93 -12.55
CA VAL B 23 -19.73 -0.08 -13.19
C VAL B 23 -20.42 -0.62 -14.43
N SER B 24 -19.61 -0.97 -15.44
CA SER B 24 -20.07 -1.48 -16.73
C SER B 24 -20.09 -3.00 -16.82
N LYS B 25 -19.63 -3.71 -15.78
CA LYS B 25 -19.44 -5.16 -15.76
C LYS B 25 -20.43 -5.79 -14.80
N PRO B 26 -21.20 -6.78 -15.23
CA PRO B 26 -22.24 -7.34 -14.37
C PRO B 26 -21.94 -8.76 -13.93
N SER B 27 -22.97 -9.52 -13.57
CA SER B 27 -22.80 -10.92 -13.29
C SER B 27 -22.33 -11.62 -14.56
N HIS B 28 -21.46 -12.62 -14.39
CA HIS B 28 -20.66 -13.09 -15.51
C HIS B 28 -21.31 -14.18 -16.37
N PRO B 29 -22.33 -14.91 -15.93
CA PRO B 29 -23.10 -15.67 -16.92
C PRO B 29 -23.67 -14.77 -18.03
N LEU B 30 -24.19 -13.60 -17.67
CA LEU B 30 -24.72 -12.63 -18.63
C LEU B 30 -23.65 -11.60 -19.02
N PHE B 31 -23.88 -10.95 -20.16
CA PHE B 31 -23.06 -9.84 -20.65
C PHE B 31 -21.66 -10.28 -21.08
N ASP B 32 -21.41 -11.58 -21.21
CA ASP B 32 -20.10 -12.08 -21.62
C ASP B 32 -20.04 -12.13 -23.14
N ASP B 33 -19.06 -12.85 -23.68
CA ASP B 33 -19.10 -13.26 -25.08
C ASP B 33 -20.40 -13.99 -25.42
N PRO B 34 -20.92 -14.89 -24.59
CA PRO B 34 -22.16 -15.57 -24.96
C PRO B 34 -23.33 -14.63 -25.17
N MET B 35 -23.57 -13.67 -24.26
CA MET B 35 -24.67 -12.73 -24.44
C MET B 35 -24.76 -12.28 -25.90
N PHE B 36 -23.70 -11.66 -26.42
CA PHE B 36 -23.85 -10.98 -27.72
C PHE B 36 -23.87 -11.97 -28.88
N ARG B 37 -23.57 -13.25 -28.62
CA ARG B 37 -23.72 -14.29 -29.65
C ARG B 37 -24.69 -15.42 -29.28
N ARG B 38 -25.34 -15.36 -28.12
CA ARG B 38 -26.32 -16.37 -27.72
C ARG B 38 -27.70 -15.97 -28.24
N PHE B 39 -27.84 -16.06 -29.56
CA PHE B 39 -29.09 -15.74 -30.26
C PHE B 39 -29.68 -14.45 -29.71
N PHE B 40 -28.87 -13.39 -29.69
CA PHE B 40 -29.22 -12.16 -29.00
C PHE B 40 -28.41 -11.02 -29.59
N GLY B 41 -28.98 -9.81 -29.50
CA GLY B 41 -28.33 -8.65 -30.04
C GLY B 41 -27.35 -8.03 -29.07
N ASP B 42 -26.51 -7.17 -29.62
CA ASP B 42 -25.49 -6.48 -28.82
C ASP B 42 -26.15 -5.65 -27.72
N ASN B 43 -27.19 -4.92 -28.07
CA ASN B 43 -27.89 -4.07 -27.10
C ASN B 43 -26.87 -3.14 -26.46
N LEU B 44 -26.93 -2.97 -25.14
CA LEU B 44 -26.13 -1.99 -24.47
C LEU B 44 -25.55 -2.58 -23.19
N PRO B 45 -24.30 -2.27 -22.88
CA PRO B 45 -23.80 -2.56 -21.53
C PRO B 45 -24.59 -1.75 -20.52
N GLN B 46 -25.33 -2.43 -19.68
CA GLN B 46 -26.02 -1.75 -18.60
C GLN B 46 -25.08 -1.66 -17.41
N GLN B 47 -24.81 -0.42 -17.00
CA GLN B 47 -23.87 -0.12 -15.94
C GLN B 47 -24.60 -0.10 -14.60
N LYS B 48 -24.31 -1.07 -13.75
CA LYS B 48 -24.91 -1.14 -12.43
C LYS B 48 -24.13 -0.31 -11.42
N ARG B 49 -24.83 0.10 -10.36
CA ARG B 49 -24.27 0.85 -9.25
C ARG B 49 -23.95 -0.11 -8.12
N MET B 50 -22.67 -0.45 -7.98
CA MET B 50 -22.22 -1.44 -7.00
C MET B 50 -21.61 -0.74 -5.79
N GLU B 51 -21.78 -1.36 -4.62
CA GLU B 51 -21.42 -0.73 -3.35
C GLU B 51 -20.19 -1.41 -2.78
N SER B 52 -19.01 -0.82 -3.01
CA SER B 52 -17.88 -1.24 -2.19
C SER B 52 -18.26 -1.16 -0.73
N SER B 53 -18.89 -0.06 -0.33
CA SER B 53 -19.69 0.00 0.89
C SER B 53 -18.79 -0.40 2.02
N LEU B 54 -19.11 -1.41 2.80
CA LEU B 54 -18.43 -1.60 4.07
C LEU B 54 -16.94 -1.33 3.91
N GLY B 55 -16.48 -0.37 4.69
CA GLY B 55 -15.07 -0.22 4.96
C GLY B 55 -15.00 0.58 6.22
N SER B 56 -13.79 0.97 6.56
CA SER B 56 -13.56 1.77 7.73
C SER B 56 -12.49 2.78 7.41
N ALA B 57 -12.35 3.74 8.31
CA ALA B 57 -11.42 4.83 8.13
C ALA B 57 -11.11 5.41 9.49
N VAL B 58 -9.88 5.90 9.62
CA VAL B 58 -9.35 6.42 10.87
C VAL B 58 -9.29 7.93 10.75
N ILE B 59 -9.72 8.62 11.82
CA ILE B 59 -9.80 10.08 11.83
C ILE B 59 -8.43 10.56 12.27
N MET B 60 -7.61 10.97 11.31
CA MET B 60 -6.20 11.19 11.62
C MET B 60 -6.02 12.50 12.39
N SER B 61 -6.78 13.54 12.05
CA SER B 61 -6.63 14.85 12.68
C SER B 61 -7.97 15.53 12.90
N ALA B 62 -7.99 16.44 13.88
CA ALA B 62 -9.20 17.21 14.17
C ALA B 62 -9.68 18.05 12.99
N GLU B 63 -8.82 18.35 12.01
CA GLU B 63 -9.25 19.18 10.91
C GLU B 63 -10.09 18.43 9.89
N GLY B 64 -10.13 17.09 9.98
CA GLY B 64 -11.04 16.27 9.17
C GLY B 64 -10.40 15.39 8.12
N TYR B 65 -9.11 15.09 8.27
CA TYR B 65 -8.42 14.17 7.38
C TYR B 65 -8.62 12.72 7.84
N LEU B 66 -9.06 11.86 6.92
CA LEU B 66 -9.30 10.44 7.21
C LEU B 66 -8.33 9.61 6.40
N LEU B 67 -7.79 8.57 7.04
CA LEU B 67 -6.94 7.56 6.40
C LEU B 67 -7.75 6.29 6.16
N THR B 68 -7.37 5.53 5.14
CA THR B 68 -8.09 4.30 4.80
C THR B 68 -7.32 3.55 3.72
N ASN B 69 -7.90 2.45 3.25
CA ASN B 69 -7.28 1.69 2.16
C ASN B 69 -7.70 2.25 0.81
N ASN B 70 -6.77 2.23 -0.14
CA ASN B 70 -7.11 2.60 -1.51
C ASN B 70 -8.20 1.70 -2.09
N HIS B 71 -8.11 0.39 -1.83
CA HIS B 71 -9.02 -0.56 -2.47
C HIS B 71 -10.46 -0.41 -2.01
N VAL B 72 -10.69 0.36 -0.94
CA VAL B 72 -12.05 0.64 -0.52
C VAL B 72 -12.63 1.80 -1.31
N THR B 73 -11.83 2.83 -1.61
CA THR B 73 -12.37 4.01 -2.25
C THR B 73 -12.02 4.15 -3.72
N ALA B 74 -10.91 3.57 -4.18
CA ALA B 74 -10.61 3.59 -5.61
C ALA B 74 -11.88 3.52 -6.44
N GLY B 75 -12.05 4.50 -7.32
CA GLY B 75 -13.13 4.46 -8.29
C GLY B 75 -14.47 4.92 -7.78
N ALA B 76 -14.57 5.26 -6.50
CA ALA B 76 -15.86 5.62 -5.94
C ALA B 76 -16.34 6.93 -6.54
N ASP B 77 -17.65 7.00 -6.76
CA ASP B 77 -18.33 8.23 -7.17
C ASP B 77 -18.80 9.02 -5.96
N GLN B 78 -19.06 8.34 -4.85
CA GLN B 78 -19.51 8.96 -3.62
C GLN B 78 -18.96 8.17 -2.44
N ILE B 79 -18.48 8.87 -1.42
CA ILE B 79 -18.00 8.23 -0.20
C ILE B 79 -18.74 8.85 0.97
N ILE B 80 -19.56 8.04 1.63
CA ILE B 80 -20.25 8.46 2.86
C ILE B 80 -19.43 7.99 4.06
N VAL B 81 -19.16 8.91 5.00
CA VAL B 81 -18.45 8.64 6.24
C VAL B 81 -19.46 8.69 7.37
N ALA B 82 -19.52 7.64 8.18
CA ALA B 82 -20.48 7.57 9.28
C ALA B 82 -19.70 7.46 10.57
N LEU B 83 -19.87 8.45 11.45
CA LEU B 83 -19.11 8.56 12.68
C LEU B 83 -19.70 7.71 13.80
N ARG B 84 -18.85 7.35 14.76
CA ARG B 84 -19.33 6.55 15.88
C ARG B 84 -20.53 7.20 16.54
N ASP B 85 -20.56 8.55 16.64
CA ASP B 85 -21.67 9.24 17.27
C ASP B 85 -22.94 9.20 16.42
N GLY B 86 -22.85 8.80 15.16
CA GLY B 86 -24.01 8.78 14.30
C GLY B 86 -24.02 9.88 13.25
N ARG B 87 -23.11 10.85 13.33
CA ARG B 87 -23.10 11.87 12.30
C ARG B 87 -22.69 11.25 10.96
N GLU B 88 -23.17 11.84 9.88
CA GLU B 88 -22.82 11.40 8.53
C GLU B 88 -22.42 12.60 7.69
N THR B 89 -21.48 12.37 6.78
CA THR B 89 -21.05 13.39 5.83
C THR B 89 -20.67 12.66 4.57
N ILE B 90 -20.58 13.38 3.46
CA ILE B 90 -19.92 12.87 2.27
C ILE B 90 -18.51 13.41 2.30
N ALA B 91 -17.55 12.57 1.99
CA ALA B 91 -16.14 12.93 2.04
C ALA B 91 -15.63 13.14 0.63
N GLN B 92 -14.52 13.86 0.52
CA GLN B 92 -13.83 13.99 -0.74
C GLN B 92 -12.49 13.29 -0.62
N LEU B 93 -11.98 12.82 -1.75
CA LEU B 93 -10.74 12.05 -1.80
C LEU B 93 -9.60 13.01 -2.09
N VAL B 94 -8.79 13.28 -1.07
CA VAL B 94 -7.60 14.09 -1.21
C VAL B 94 -6.63 13.47 -2.21
N GLY B 95 -6.50 12.14 -2.17
CA GLY B 95 -5.49 11.47 -2.97
C GLY B 95 -5.20 10.07 -2.47
N SER B 96 -4.75 9.23 -3.40
CA SER B 96 -4.58 7.82 -3.15
C SER B 96 -3.14 7.40 -3.43
N ASP B 97 -2.78 6.23 -2.92
CA ASP B 97 -1.47 5.63 -3.17
C ASP B 97 -1.61 4.12 -3.32
N PRO B 98 -2.02 3.67 -4.50
CA PRO B 98 -2.20 2.22 -4.73
C PRO B 98 -1.03 1.34 -4.34
N GLU B 99 0.21 1.85 -4.35
CA GLU B 99 1.36 0.99 -4.13
C GLU B 99 1.57 0.65 -2.65
N THR B 100 0.86 1.32 -1.76
CA THR B 100 0.83 0.94 -0.34
C THR B 100 -0.61 0.70 0.12
N ASP B 101 -1.58 0.80 -0.81
CA ASP B 101 -2.99 0.55 -0.52
C ASP B 101 -3.53 1.51 0.54
N LEU B 102 -3.27 2.79 0.35
CA LEU B 102 -3.68 3.82 1.29
C LEU B 102 -4.34 4.96 0.54
N ALA B 103 -5.33 5.58 1.18
CA ALA B 103 -6.04 6.73 0.64
C ALA B 103 -6.22 7.76 1.74
N VAL B 104 -6.27 9.03 1.36
CA VAL B 104 -6.55 10.08 2.31
C VAL B 104 -7.90 10.69 1.99
N LEU B 105 -8.72 10.92 3.00
CA LEU B 105 -10.02 11.55 2.84
C LEU B 105 -10.06 12.87 3.58
N LYS B 106 -11.02 13.71 3.21
CA LYS B 106 -11.29 14.95 3.94
C LYS B 106 -12.79 15.07 4.13
N ILE B 107 -13.20 15.44 5.36
CA ILE B 107 -14.57 15.83 5.69
C ILE B 107 -14.54 17.19 6.37
N ASP B 108 -15.62 17.94 6.20
CA ASP B 108 -15.81 19.24 6.84
C ASP B 108 -16.75 19.03 8.04
N LEU B 109 -16.17 18.93 9.21
CA LEU B 109 -16.93 18.77 10.44
C LEU B 109 -16.04 19.21 11.57
N LYS B 110 -16.68 19.60 12.66
CA LYS B 110 -15.93 19.97 13.84
C LYS B 110 -16.44 19.18 15.02
N ASN B 111 -15.84 19.44 16.18
CA ASN B 111 -15.94 18.49 17.28
C ASN B 111 -15.77 17.09 16.73
N LEU B 112 -14.56 16.83 16.21
CA LEU B 112 -14.15 15.58 15.62
C LEU B 112 -13.09 14.95 16.51
N PRO B 113 -13.28 13.70 16.95
CA PRO B 113 -12.23 13.01 17.72
C PRO B 113 -11.07 12.61 16.84
N ALA B 114 -9.88 12.56 17.42
CA ALA B 114 -8.74 12.15 16.63
C ALA B 114 -8.02 11.00 17.31
N MET B 115 -7.44 10.14 16.48
CA MET B 115 -6.69 8.99 16.95
C MET B 115 -5.35 9.45 17.50
N THR B 116 -5.06 9.06 18.72
CA THR B 116 -3.72 9.15 19.25
C THR B 116 -2.83 8.14 18.53
N LEU B 117 -1.69 8.60 18.04
CA LEU B 117 -0.79 7.74 17.28
C LEU B 117 0.23 7.07 18.20
N GLY B 118 0.32 5.75 18.12
CA GLY B 118 1.41 5.02 18.73
C GLY B 118 2.64 5.07 17.84
N ARG B 119 3.60 4.21 18.14
CA ARG B 119 4.83 4.17 17.35
C ARG B 119 5.00 2.77 16.79
N SER B 120 4.80 2.64 15.49
CA SER B 120 4.89 1.35 14.81
C SER B 120 6.19 0.63 15.14
N ASP B 121 7.33 1.34 15.12
CA ASP B 121 8.60 0.68 15.37
C ASP B 121 8.72 0.15 16.78
N GLY B 122 7.85 0.55 17.69
CA GLY B 122 8.01 0.12 19.05
C GLY B 122 7.23 -1.11 19.41
N ILE B 123 6.37 -1.60 18.52
CA ILE B 123 5.59 -2.79 18.82
C ILE B 123 6.51 -4.00 18.80
N ARG B 124 6.23 -4.96 19.67
CA ARG B 124 6.91 -6.24 19.65
C ARG B 124 5.91 -7.39 19.50
N THR B 125 6.30 -8.37 18.67
CA THR B 125 5.52 -9.60 18.57
C THR B 125 5.16 -10.12 19.96
N GLY B 126 3.89 -10.27 20.23
CA GLY B 126 3.42 -10.66 21.53
C GLY B 126 2.54 -9.62 22.15
N ASP B 127 2.67 -8.36 21.75
CA ASP B 127 1.86 -7.30 22.35
C ASP B 127 0.40 -7.52 22.00
N VAL B 128 -0.48 -7.30 22.95
CA VAL B 128 -1.89 -7.33 22.65
C VAL B 128 -2.27 -6.16 21.75
N CYS B 129 -3.24 -6.36 20.89
CA CYS B 129 -3.70 -5.31 20.03
C CYS B 129 -5.18 -5.53 19.77
N LEU B 130 -5.80 -4.48 19.29
CA LEU B 130 -7.22 -4.46 19.06
C LEU B 130 -7.47 -3.96 17.65
N ALA B 131 -8.47 -4.53 17.00
CA ALA B 131 -8.84 -4.13 15.65
C ALA B 131 -10.22 -3.52 15.70
N ILE B 132 -10.39 -2.39 15.03
CA ILE B 132 -11.65 -1.67 15.00
C ILE B 132 -12.06 -1.38 13.56
N GLY B 133 -13.24 -1.87 13.19
CA GLY B 133 -13.77 -1.66 11.87
C GLY B 133 -15.22 -2.08 11.84
N ASN B 134 -15.72 -2.38 10.65
CA ASN B 134 -17.14 -2.66 10.44
C ASN B 134 -17.32 -4.01 9.74
N PRO B 135 -16.94 -5.11 10.39
CA PRO B 135 -17.03 -6.41 9.73
C PRO B 135 -18.45 -6.71 9.28
N PHE B 136 -18.57 -7.12 8.01
CA PHE B 136 -19.84 -7.56 7.40
C PHE B 136 -20.92 -6.51 7.48
N GLY B 137 -20.56 -5.26 7.78
CA GLY B 137 -21.54 -4.20 7.95
C GLY B 137 -22.39 -4.31 9.20
N VAL B 138 -21.92 -5.07 10.20
CA VAL B 138 -22.69 -5.28 11.41
C VAL B 138 -22.69 -4.09 12.33
N GLY B 139 -21.87 -3.08 12.05
CA GLY B 139 -21.62 -1.98 12.97
C GLY B 139 -20.17 -1.97 13.43
N GLN B 140 -19.78 -0.89 14.04
CA GLN B 140 -18.42 -0.84 14.58
C GLN B 140 -18.25 -1.97 15.58
N THR B 141 -17.22 -2.77 15.41
CA THR B 141 -16.94 -3.84 16.34
C THR B 141 -15.45 -3.84 16.67
N VAL B 142 -15.13 -4.21 17.91
CA VAL B 142 -13.75 -4.28 18.36
C VAL B 142 -13.38 -5.74 18.54
N THR B 143 -12.22 -6.13 18.03
CA THR B 143 -11.69 -7.47 18.18
C THR B 143 -10.27 -7.40 18.72
N MET B 144 -9.82 -8.50 19.30
CA MET B 144 -8.63 -8.54 20.13
C MET B 144 -7.76 -9.76 19.83
N GLY B 145 -6.48 -9.53 19.62
CA GLY B 145 -5.47 -10.56 19.51
C GLY B 145 -4.11 -9.98 19.85
N ILE B 146 -3.05 -10.61 19.30
CA ILE B 146 -1.69 -10.14 19.57
C ILE B 146 -0.97 -9.91 18.24
N ILE B 147 0.02 -9.02 18.29
CA ILE B 147 0.93 -8.91 17.17
C ILE B 147 1.58 -10.26 16.94
N SER B 148 1.28 -10.88 15.79
CA SER B 148 1.82 -12.17 15.41
C SER B 148 3.20 -12.10 14.79
N ALA B 149 3.48 -11.07 13.97
CA ALA B 149 4.82 -10.85 13.44
C ALA B 149 4.91 -9.41 12.97
N THR B 150 6.10 -8.96 12.55
CA THR B 150 6.23 -7.59 12.10
C THR B 150 7.03 -7.55 10.80
N GLY B 151 6.94 -6.41 10.14
CA GLY B 151 7.58 -6.21 8.86
C GLY B 151 7.41 -7.37 7.89
N ARG B 152 6.18 -7.81 7.69
CA ARG B 152 5.90 -8.74 6.61
C ARG B 152 5.96 -7.98 5.31
N ASN B 153 7.10 -8.06 4.61
CA ASN B 153 7.16 -7.81 3.18
C ASN B 153 7.25 -9.13 2.44
N GLN B 154 7.19 -9.06 1.12
CA GLN B 154 7.13 -10.22 0.23
C GLN B 154 5.80 -10.97 0.32
N LEU B 155 4.73 -10.37 0.84
CA LEU B 155 3.43 -11.00 0.72
C LEU B 155 2.92 -10.93 -0.71
N GLY B 156 3.35 -9.90 -1.44
CA GLY B 156 2.83 -9.69 -2.77
C GLY B 156 1.51 -8.95 -2.86
N LEU B 157 0.98 -8.44 -1.75
CA LEU B 157 -0.24 -7.65 -1.86
C LEU B 157 0.03 -6.34 -2.61
N ASN B 158 0.99 -5.55 -2.15
CA ASN B 158 1.29 -4.29 -2.80
C ASN B 158 2.79 -4.18 -3.01
N THR B 159 3.18 -3.19 -3.80
CA THR B 159 4.58 -3.13 -4.24
C THR B 159 5.49 -2.68 -3.10
N TYR B 160 4.99 -1.85 -2.18
CA TYR B 160 5.73 -1.44 -0.99
C TYR B 160 5.00 -1.95 0.25
N GLU B 161 5.65 -2.84 1.00
CA GLU B 161 4.99 -3.56 2.09
C GLU B 161 5.85 -3.52 3.35
N ASP B 162 5.19 -3.44 4.50
CA ASP B 162 5.87 -3.49 5.80
C ASP B 162 4.84 -3.92 6.85
N PHE B 163 4.12 -4.99 6.55
CA PHE B 163 2.87 -5.29 7.23
C PHE B 163 3.09 -5.78 8.65
N ILE B 164 2.22 -5.35 9.54
CA ILE B 164 2.04 -5.97 10.85
C ILE B 164 1.10 -7.14 10.65
N GLN B 165 1.35 -8.24 11.32
CA GLN B 165 0.44 -9.39 11.31
C GLN B 165 -0.23 -9.53 12.67
N THR B 166 -1.56 -9.61 12.67
CA THR B 166 -2.32 -9.73 13.90
C THR B 166 -3.27 -10.93 13.87
N ASP B 167 -3.23 -11.69 14.97
CA ASP B 167 -4.24 -12.64 15.43
C ASP B 167 -5.67 -12.09 15.42
N ALA B 168 -5.89 -10.81 15.74
CA ALA B 168 -7.25 -10.36 16.04
C ALA B 168 -8.17 -10.52 14.83
N ALA B 169 -9.46 -10.69 15.09
CA ALA B 169 -10.35 -11.10 14.02
C ALA B 169 -10.56 -9.99 13.01
N ILE B 170 -10.03 -10.18 11.80
CA ILE B 170 -10.22 -9.20 10.74
C ILE B 170 -11.00 -9.84 9.60
N ASN B 171 -12.10 -9.21 9.19
CA ASN B 171 -13.00 -9.70 8.20
C ASN B 171 -13.27 -8.64 7.15
N PRO B 172 -13.86 -9.01 6.02
CA PRO B 172 -14.34 -8.02 5.06
C PRO B 172 -15.18 -6.94 5.74
N GLY B 173 -14.80 -5.69 5.55
CA GLY B 173 -15.40 -4.60 6.26
C GLY B 173 -14.49 -3.96 7.29
N ASN B 174 -13.43 -4.65 7.67
CA ASN B 174 -12.42 -4.09 8.53
C ASN B 174 -11.38 -3.26 7.78
N ALA B 175 -11.35 -3.33 6.45
CA ALA B 175 -10.29 -2.63 5.73
C ALA B 175 -10.44 -1.13 5.93
N GLY B 176 -9.32 -0.47 6.19
CA GLY B 176 -9.27 0.94 6.48
C GLY B 176 -9.25 1.27 7.96
N GLY B 177 -9.85 0.43 8.80
CA GLY B 177 -9.95 0.69 10.21
C GLY B 177 -8.63 0.64 10.97
N ALA B 178 -8.73 0.86 12.26
CA ALA B 178 -7.57 0.98 13.13
C ALA B 178 -7.12 -0.36 13.66
N LEU B 179 -5.82 -0.55 13.68
CA LEU B 179 -5.18 -1.52 14.54
C LEU B 179 -4.53 -0.71 15.66
N VAL B 180 -4.82 -1.07 16.90
CA VAL B 180 -4.54 -0.24 18.05
C VAL B 180 -3.86 -1.09 19.11
N ASP B 181 -2.99 -0.47 19.90
CA ASP B 181 -2.29 -1.19 20.96
C ASP B 181 -3.09 -1.13 22.26
N ALA B 182 -2.55 -1.79 23.29
CA ALA B 182 -3.33 -2.00 24.52
C ALA B 182 -3.70 -0.68 25.18
N ALA B 183 -2.83 0.33 25.03
CA ALA B 183 -3.11 1.69 25.50
C ALA B 183 -4.23 2.36 24.71
N GLY B 184 -4.45 1.95 23.47
CA GLY B 184 -5.42 2.62 22.63
C GLY B 184 -4.85 3.51 21.55
N ASN B 185 -3.56 3.40 21.22
CA ASN B 185 -2.93 4.23 20.19
C ASN B 185 -2.81 3.50 18.86
N LEU B 186 -3.00 4.25 17.77
CA LEU B 186 -2.91 3.69 16.43
C LEU B 186 -1.52 3.14 16.14
N ILE B 187 -1.45 1.86 15.80
CA ILE B 187 -0.23 1.28 15.26
C ILE B 187 -0.38 0.75 13.84
N GLY B 188 -1.59 0.66 13.29
CA GLY B 188 -1.70 0.25 11.91
C GLY B 188 -3.04 0.57 11.32
N ILE B 189 -3.09 0.46 10.00
CA ILE B 189 -4.32 0.49 9.21
C ILE B 189 -4.58 -0.92 8.68
N ASN B 190 -5.64 -1.55 9.17
CA ASN B 190 -5.97 -2.92 8.75
C ASN B 190 -6.27 -2.96 7.26
N THR B 191 -5.69 -3.95 6.56
CA THR B 191 -5.64 -3.93 5.11
C THR B 191 -6.00 -5.25 4.42
N ALA B 192 -5.54 -6.38 4.91
CA ALA B 192 -5.63 -7.62 4.18
C ALA B 192 -5.69 -8.79 5.14
N ILE B 193 -6.30 -9.88 4.69
CA ILE B 193 -6.25 -11.16 5.40
C ILE B 193 -5.80 -12.23 4.43
N PHE B 194 -5.30 -13.33 5.00
CA PHE B 194 -5.03 -14.56 4.28
C PHE B 194 -6.02 -15.56 4.82
N SER B 195 -6.97 -15.98 4.00
CA SER B 195 -7.99 -16.92 4.45
C SER B 195 -8.25 -17.99 3.37
N LYS B 196 -8.65 -19.18 3.85
CA LYS B 196 -9.23 -20.19 2.97
C LYS B 196 -10.75 -20.06 2.82
N SER B 197 -11.40 -19.15 3.54
CA SER B 197 -12.86 -19.11 3.57
C SER B 197 -13.44 -17.71 3.39
N GLY B 198 -12.63 -16.70 3.09
CA GLY B 198 -13.19 -15.37 2.94
C GLY B 198 -13.46 -14.66 4.24
N GLY B 199 -13.19 -15.30 5.37
CA GLY B 199 -13.37 -14.70 6.66
C GLY B 199 -12.15 -14.92 7.53
N SER B 200 -12.16 -14.28 8.69
CA SER B 200 -10.97 -14.33 9.53
C SER B 200 -10.61 -15.76 9.91
N GLN B 201 -9.35 -16.11 9.68
CA GLN B 201 -8.77 -17.31 10.24
C GLN B 201 -7.56 -16.98 11.11
N GLY B 202 -7.51 -15.74 11.60
CA GLY B 202 -6.40 -15.30 12.41
C GLY B 202 -5.14 -14.91 11.69
N ILE B 203 -5.15 -14.76 10.37
CA ILE B 203 -3.99 -14.23 9.68
C ILE B 203 -4.39 -12.91 9.04
N GLY B 204 -4.12 -11.80 9.74
CA GLY B 204 -4.50 -10.48 9.26
C GLY B 204 -3.30 -9.56 9.19
N PHE B 205 -3.40 -8.54 8.35
CA PHE B 205 -2.28 -7.64 8.07
C PHE B 205 -2.71 -6.20 8.11
N ALA B 206 -1.95 -5.36 8.78
CA ALA B 206 -2.22 -3.94 8.87
C ALA B 206 -0.98 -3.19 8.41
N ILE B 207 -1.19 -2.04 7.78
CA ILE B 207 -0.10 -1.13 7.45
C ILE B 207 0.33 -0.39 8.71
N PRO B 208 1.62 -0.40 9.06
CA PRO B 208 2.06 0.27 10.28
C PRO B 208 1.95 1.77 10.17
N THR B 209 1.75 2.41 11.32
CA THR B 209 1.60 3.85 11.37
C THR B 209 2.79 4.55 10.71
N LYS B 210 4.02 4.17 11.04
CA LYS B 210 5.15 4.92 10.52
C LYS B 210 5.02 5.09 9.03
N LEU B 211 4.80 3.99 8.30
CA LEU B 211 4.61 4.05 6.84
C LEU B 211 3.34 4.80 6.47
N ALA B 212 2.26 4.61 7.23
CA ALA B 212 1.02 5.29 6.88
C ALA B 212 1.16 6.80 6.98
N LEU B 213 1.63 7.30 8.14
CA LEU B 213 1.84 8.74 8.30
C LEU B 213 2.64 9.32 7.14
N GLU B 214 3.78 8.70 6.84
CA GLU B 214 4.65 9.16 5.77
C GLU B 214 3.91 9.25 4.44
N VAL B 215 3.07 8.26 4.13
CA VAL B 215 2.26 8.34 2.92
C VAL B 215 1.24 9.47 3.03
N MET B 216 0.55 9.55 4.16
CA MET B 216 -0.51 10.56 4.28
C MET B 216 0.05 11.97 4.22
N GLN B 217 1.19 12.22 4.87
CA GLN B 217 1.73 13.58 4.87
C GLN B 217 2.13 14.00 3.45
N SER B 218 2.68 13.08 2.66
CA SER B 218 3.02 13.40 1.28
C SER B 218 1.77 13.65 0.44
N ILE B 219 0.67 12.94 0.72
CA ILE B 219 -0.54 13.15 -0.06
C ILE B 219 -1.13 14.51 0.23
N ILE B 220 -1.23 14.86 1.51
CA ILE B 220 -1.80 16.15 1.88
C ILE B 220 -0.98 17.29 1.28
N GLU B 221 0.36 17.19 1.31
CA GLU B 221 1.19 18.29 0.81
C GLU B 221 1.08 18.42 -0.70
N HIS B 222 1.22 17.32 -1.43
CA HIS B 222 1.35 17.35 -2.88
C HIS B 222 0.22 16.70 -3.66
N GLY B 223 -0.78 16.11 -3.00
CA GLY B 223 -1.86 15.44 -3.69
C GLY B 223 -1.51 14.10 -4.30
N GLN B 224 -0.42 13.50 -3.83
CA GLN B 224 0.32 12.47 -4.55
C GLN B 224 1.37 11.97 -3.57
N VAL B 225 1.94 10.82 -3.87
CA VAL B 225 3.12 10.40 -3.14
C VAL B 225 4.30 10.65 -4.05
N ILE B 226 5.35 11.23 -3.50
CA ILE B 226 6.54 11.57 -4.27
C ILE B 226 7.57 10.48 -4.04
N ARG B 227 7.96 9.78 -5.09
CA ARG B 227 8.93 8.69 -4.99
C ARG B 227 9.99 8.84 -6.08
N GLY B 228 11.20 8.38 -5.75
CA GLY B 228 12.25 8.42 -6.71
C GLY B 228 12.01 7.42 -7.81
N TRP B 229 12.34 7.82 -9.03
CA TRP B 229 12.26 6.99 -10.21
C TRP B 229 13.64 6.88 -10.82
N LEU B 230 14.07 5.65 -11.08
CA LEU B 230 15.26 5.40 -11.88
C LEU B 230 14.95 4.88 -13.27
N GLY B 231 13.79 4.25 -13.46
CA GLY B 231 13.54 3.56 -14.71
C GLY B 231 14.51 2.43 -15.00
N VAL B 232 14.48 1.37 -14.21
CA VAL B 232 15.23 0.17 -14.56
C VAL B 232 14.46 -1.05 -14.09
N GLU B 233 14.58 -2.13 -14.86
CA GLU B 233 14.14 -3.45 -14.47
C GLU B 233 15.39 -4.22 -14.06
N VAL B 234 15.36 -4.89 -12.92
CA VAL B 234 16.55 -5.49 -12.33
C VAL B 234 16.19 -6.86 -11.79
N LYS B 235 17.10 -7.82 -11.95
CA LYS B 235 16.88 -9.19 -11.50
C LYS B 235 18.09 -9.59 -10.66
N ALA B 236 17.88 -10.62 -9.84
CA ALA B 236 18.88 -10.98 -8.84
C ALA B 236 20.10 -11.65 -9.48
N LEU B 237 21.13 -11.83 -8.65
CA LEU B 237 22.38 -12.46 -9.03
C LEU B 237 22.52 -13.81 -8.30
N THR B 238 22.97 -14.84 -9.03
CA THR B 238 23.19 -16.13 -8.40
C THR B 238 24.66 -16.51 -8.45
N PRO B 239 25.11 -17.51 -7.67
CA PRO B 239 26.51 -17.94 -7.78
C PRO B 239 26.85 -18.25 -9.22
N GLU B 240 25.90 -18.85 -9.94
CA GLU B 240 26.16 -19.26 -11.31
C GLU B 240 26.57 -18.08 -12.17
N LEU B 241 25.89 -16.95 -12.06
CA LEU B 241 26.48 -15.85 -12.77
C LEU B 241 27.46 -15.05 -11.91
N ALA B 242 27.52 -15.32 -10.60
CA ALA B 242 28.58 -14.71 -9.80
C ALA B 242 29.94 -14.96 -10.44
N GLU B 243 30.17 -16.20 -10.90
CA GLU B 243 31.48 -16.53 -11.44
C GLU B 243 31.71 -15.86 -12.80
N SER B 244 30.76 -16.03 -13.73
CA SER B 244 30.92 -15.54 -15.09
C SER B 244 31.47 -14.12 -15.14
N LEU B 245 31.05 -13.25 -14.22
CA LEU B 245 31.64 -11.92 -14.17
C LEU B 245 33.08 -11.99 -13.66
N GLY B 246 33.42 -13.04 -12.92
CA GLY B 246 34.71 -13.18 -12.30
C GLY B 246 34.79 -12.66 -10.88
N LEU B 247 33.77 -11.97 -10.40
CA LEU B 247 33.79 -11.38 -9.06
C LEU B 247 32.41 -11.59 -8.45
N GLY B 248 32.35 -12.33 -7.35
CA GLY B 248 31.15 -13.08 -7.00
C GLY B 248 30.51 -12.67 -5.70
N GLU B 249 29.19 -12.74 -5.71
CA GLU B 249 28.32 -12.41 -4.58
C GLU B 249 28.81 -11.17 -3.82
N THR B 250 29.12 -10.12 -4.58
CA THR B 250 29.14 -8.77 -4.03
C THR B 250 27.75 -8.17 -3.90
N ALA B 251 26.68 -8.97 -3.74
CA ALA B 251 25.34 -8.40 -3.53
C ALA B 251 24.80 -7.77 -4.82
N GLY B 252 25.25 -8.26 -5.97
CA GLY B 252 24.97 -7.55 -7.19
C GLY B 252 23.50 -7.59 -7.57
N ILE B 253 23.09 -6.59 -8.33
CA ILE B 253 21.76 -6.52 -8.91
C ILE B 253 21.97 -6.45 -10.42
N VAL B 254 21.26 -7.26 -11.18
CA VAL B 254 21.53 -7.33 -12.61
C VAL B 254 20.51 -6.47 -13.32
N VAL B 255 20.98 -5.54 -14.15
CA VAL B 255 20.11 -4.67 -14.91
C VAL B 255 19.50 -5.44 -16.06
N ALA B 256 18.46 -6.22 -15.77
CA ALA B 256 17.76 -6.95 -16.82
C ALA B 256 17.17 -5.98 -17.84
N GLY B 257 16.50 -4.93 -17.39
CA GLY B 257 15.89 -4.02 -18.31
C GLY B 257 15.96 -2.55 -17.92
N VAL B 258 16.22 -1.68 -18.90
CA VAL B 258 16.32 -0.23 -18.67
C VAL B 258 15.17 0.44 -19.39
N TYR B 259 14.37 1.19 -18.64
CA TYR B 259 13.27 1.93 -19.25
C TYR B 259 13.82 2.84 -20.35
N ARG B 260 13.18 2.79 -21.50
CA ARG B 260 13.59 3.63 -22.61
C ARG B 260 13.14 5.06 -22.33
N ASP B 261 14.08 5.99 -22.47
CA ASP B 261 13.89 7.42 -22.22
C ASP B 261 14.01 7.81 -20.75
N GLY B 262 14.40 6.91 -19.87
CA GLY B 262 14.38 7.19 -18.45
C GLY B 262 15.64 7.88 -17.98
N PRO B 263 15.66 8.22 -16.69
CA PRO B 263 16.85 8.87 -16.12
C PRO B 263 18.06 7.95 -16.04
N ALA B 264 17.85 6.65 -15.81
CA ALA B 264 18.97 5.72 -15.91
C ALA B 264 19.39 5.54 -17.36
N ALA B 265 18.42 5.39 -18.28
CA ALA B 265 18.75 5.45 -19.69
C ALA B 265 19.52 6.72 -20.01
N ARG B 266 18.96 7.87 -19.64
CA ARG B 266 19.55 9.16 -19.97
C ARG B 266 20.94 9.32 -19.38
N GLY B 267 21.27 8.52 -18.37
CA GLY B 267 22.59 8.53 -17.79
C GLY B 267 23.48 7.43 -18.32
N GLY B 268 23.02 6.73 -19.35
CA GLY B 268 23.85 5.72 -19.96
C GLY B 268 23.82 4.39 -19.26
N LEU B 269 22.76 4.10 -18.53
CA LEU B 269 22.54 2.75 -18.01
C LEU B 269 22.22 1.85 -19.19
N LEU B 270 22.75 0.64 -19.18
CA LEU B 270 22.56 -0.20 -20.34
C LEU B 270 22.14 -1.61 -19.94
N PRO B 271 21.29 -2.23 -20.75
CA PRO B 271 20.85 -3.59 -20.43
C PRO B 271 22.05 -4.52 -20.36
N GLY B 272 21.99 -5.46 -19.42
CA GLY B 272 23.08 -6.40 -19.22
C GLY B 272 24.24 -5.89 -18.41
N ASP B 273 24.23 -4.63 -18.00
CA ASP B 273 25.25 -4.16 -17.08
C ASP B 273 25.01 -4.74 -15.69
N VAL B 274 25.86 -4.39 -14.74
CA VAL B 274 25.73 -4.88 -13.38
C VAL B 274 25.90 -3.71 -12.43
N ILE B 275 24.97 -3.58 -11.49
CA ILE B 275 24.95 -2.47 -10.55
C ILE B 275 25.60 -2.94 -9.25
N LEU B 276 26.68 -2.27 -8.87
CA LEU B 276 27.39 -2.56 -7.64
C LEU B 276 27.01 -1.61 -6.53
N THR B 277 26.83 -0.32 -6.85
CA THR B 277 26.47 0.69 -5.87
C THR B 277 25.46 1.67 -6.49
N ILE B 278 24.40 1.96 -5.73
CA ILE B 278 23.47 3.02 -6.10
C ILE B 278 23.64 4.14 -5.09
N ASP B 279 23.92 5.35 -5.58
CA ASP B 279 24.08 6.51 -4.71
C ASP B 279 25.05 6.17 -3.56
N LYS B 280 26.29 5.82 -3.95
CA LYS B 280 27.36 5.38 -3.06
C LYS B 280 26.90 4.35 -2.02
N GLN B 281 25.81 3.64 -2.28
CA GLN B 281 25.33 2.58 -1.41
C GLN B 281 25.32 1.27 -2.18
N GLU B 282 25.87 0.22 -1.58
CA GLU B 282 25.93 -1.07 -2.25
C GLU B 282 24.53 -1.64 -2.47
N ALA B 283 24.30 -2.14 -3.68
CA ALA B 283 22.98 -2.62 -4.11
C ALA B 283 23.04 -4.14 -4.15
N SER B 284 22.56 -4.75 -3.06
CA SER B 284 22.49 -6.19 -2.83
C SER B 284 21.13 -6.77 -3.15
N ASP B 285 20.09 -6.41 -2.40
CA ASP B 285 18.74 -6.91 -2.58
C ASP B 285 17.94 -5.99 -3.50
N GLY B 286 17.21 -6.58 -4.44
CA GLY B 286 16.39 -5.76 -5.32
C GLY B 286 15.38 -4.92 -4.54
N ARG B 287 14.76 -5.52 -3.54
CA ARG B 287 13.89 -4.74 -2.66
C ARG B 287 14.68 -3.58 -2.05
N ARG B 288 15.79 -3.90 -1.38
CA ARG B 288 16.62 -2.89 -0.72
C ARG B 288 16.81 -1.68 -1.62
N SER B 289 17.35 -1.88 -2.83
CA SER B 289 17.66 -0.75 -3.70
C SER B 289 16.40 -0.09 -4.22
N MET B 290 15.35 -0.86 -4.45
CA MET B 290 14.12 -0.26 -4.95
C MET B 290 13.51 0.65 -3.90
N ASN B 291 13.64 0.29 -2.62
CA ASN B 291 13.14 1.17 -1.57
C ASN B 291 14.05 2.36 -1.38
N GLN B 292 15.36 2.16 -1.54
CA GLN B 292 16.30 3.28 -1.47
C GLN B 292 16.09 4.27 -2.60
N VAL B 293 15.81 3.81 -3.82
CA VAL B 293 15.45 4.75 -4.88
C VAL B 293 14.12 5.43 -4.58
N ALA B 294 13.19 4.74 -3.90
CA ALA B 294 11.89 5.35 -3.64
C ALA B 294 12.02 6.50 -2.66
N ARG B 295 12.88 6.36 -1.67
CA ARG B 295 13.07 7.39 -0.67
C ARG B 295 13.99 8.50 -1.16
N THR B 296 14.80 8.27 -2.19
CA THR B 296 15.64 9.32 -2.76
C THR B 296 14.81 10.36 -3.49
N ARG B 297 15.00 11.68 -3.20
CA ARG B 297 13.99 12.51 -3.85
C ARG B 297 14.27 12.80 -5.32
N PRO B 298 13.21 13.03 -6.08
CA PRO B 298 13.37 13.36 -7.50
C PRO B 298 14.05 14.70 -7.67
N GLY B 299 15.02 14.74 -8.58
CA GLY B 299 15.84 15.91 -8.79
C GLY B 299 17.20 15.82 -8.16
N GLN B 300 17.57 14.65 -7.65
CA GLN B 300 18.82 14.46 -6.95
C GLN B 300 19.78 13.71 -7.84
N LYS B 301 20.87 14.35 -8.23
CA LYS B 301 21.88 13.64 -9.00
C LYS B 301 22.56 12.63 -8.11
N ILE B 302 22.67 11.40 -8.57
CA ILE B 302 23.32 10.34 -7.80
C ILE B 302 24.31 9.59 -8.70
N SER B 303 25.25 8.93 -8.05
CA SER B 303 26.25 8.14 -8.75
C SER B 303 25.87 6.67 -8.72
N ILE B 304 26.17 5.99 -9.81
CA ILE B 304 25.88 4.58 -9.98
C ILE B 304 27.14 3.92 -10.55
N VAL B 305 27.55 2.81 -9.96
CA VAL B 305 28.71 2.06 -10.43
C VAL B 305 28.26 0.72 -10.95
N VAL B 306 28.66 0.41 -12.18
CA VAL B 306 28.21 -0.78 -12.88
C VAL B 306 29.41 -1.52 -13.45
N LEU B 307 29.38 -2.85 -13.36
CA LEU B 307 30.37 -3.77 -13.93
C LEU B 307 29.92 -4.08 -15.36
N ARG B 308 30.48 -3.37 -16.33
CA ARG B 308 30.09 -3.44 -17.74
C ARG B 308 31.36 -3.54 -18.56
N ASN B 309 31.39 -4.51 -19.49
CA ASN B 309 32.61 -5.00 -20.14
C ASN B 309 33.68 -5.45 -19.12
N GLY B 310 33.26 -6.03 -18.00
CA GLY B 310 34.22 -6.59 -17.06
C GLY B 310 35.04 -5.59 -16.29
N GLN B 311 34.68 -4.31 -16.31
CA GLN B 311 35.40 -3.27 -15.59
C GLN B 311 34.43 -2.21 -15.06
N LYS B 312 34.60 -1.82 -13.80
CA LYS B 312 33.73 -0.85 -13.18
C LYS B 312 33.67 0.43 -13.98
N VAL B 313 32.47 0.93 -14.23
CA VAL B 313 32.29 2.24 -14.86
C VAL B 313 31.37 3.08 -13.99
N ASN B 314 31.68 4.37 -13.89
CA ASN B 314 30.99 5.31 -13.01
C ASN B 314 30.02 6.14 -13.84
N LEU B 315 28.73 6.04 -13.54
CA LEU B 315 27.70 6.82 -14.22
C LEU B 315 27.02 7.78 -13.26
N THR B 316 26.29 8.74 -13.81
CA THR B 316 25.48 9.64 -13.01
C THR B 316 24.10 9.81 -13.64
N ALA B 317 23.06 9.66 -12.82
CA ALA B 317 21.67 9.85 -13.22
C ALA B 317 21.04 10.90 -12.32
N GLU B 318 19.99 11.54 -12.82
CA GLU B 318 19.19 12.46 -12.03
C GLU B 318 17.86 11.79 -11.72
N VAL B 319 17.69 11.39 -10.46
CA VAL B 319 16.47 10.69 -10.05
C VAL B 319 15.25 11.46 -10.50
N GLY B 320 14.27 10.75 -11.06
CA GLY B 320 13.07 11.36 -11.56
C GLY B 320 11.89 11.08 -10.65
N LEU B 321 10.73 11.60 -11.04
CA LEU B 321 9.48 11.34 -10.34
C LEU B 321 8.93 9.97 -10.75
N ARG B 322 8.46 9.19 -9.78
CA ARG B 322 7.97 7.85 -10.14
C ARG B 322 6.55 7.96 -10.71
N PRO B 323 6.30 7.35 -11.86
CA PRO B 323 5.00 7.47 -12.49
C PRO B 323 3.99 6.56 -11.83
N PRO B 324 2.71 6.91 -11.89
CA PRO B 324 1.68 6.15 -11.18
C PRO B 324 1.54 4.74 -11.74
N PRO B 325 0.80 3.88 -11.02
CA PRO B 325 0.52 2.53 -11.54
C PRO B 325 -0.69 2.46 -12.49
N ALA B 326 -1.59 3.45 -12.46
CA ALA B 326 -2.70 3.50 -13.42
C ALA B 326 -3.70 2.37 -13.15
N PRO B 327 -4.01 1.41 -14.12
CA PRO B 327 -5.22 0.58 -13.93
C PRO B 327 -5.53 0.00 -12.54
N ALA B 328 -4.78 -0.99 -12.05
CA ALA B 328 -5.31 -1.86 -11.00
C ALA B 328 -5.44 -1.15 -9.67
N PRO B 329 -6.32 -1.65 -8.76
CA PRO B 329 -6.43 -1.03 -7.44
C PRO B 329 -5.18 -1.27 -6.57
S CXS C . 9.12 0.75 2.63
O1 CXS C . 9.87 0.87 3.95
O2 CXS C . 8.05 -0.33 2.72
O3 CXS C . 9.96 0.16 1.53
C1 CXS C . 8.50 2.40 2.12
C2 CXS C . 8.56 2.62 0.60
C3 CXS C . 7.58 3.74 0.25
N CXS C . 8.31 4.92 -0.18
C4 CXS C . 7.97 6.09 0.65
C5 CXS C . 9.02 7.16 0.35
C6 CXS C . 8.40 8.54 0.19
C7 CXS C . 7.30 8.79 1.23
C8 CXS C . 6.33 7.61 1.31
C9 CXS C . 6.55 6.55 0.35
H11 CXS C . 9.03 3.08 2.56
H12 CXS C . 7.57 2.48 2.41
H21 CXS C . 8.30 1.81 0.14
H22 CXS C . 9.45 2.88 0.34
H31 CXS C . 7.00 3.45 -0.47
H32 CXS C . 7.05 3.96 1.03
HN CXS C . 8.08 5.11 -1.02
H4 CXS C . 7.99 5.88 1.60
H51 CXS C . 9.47 6.93 -0.48
H52 CXS C . 9.67 7.18 1.07
H61 CXS C . 8.02 8.62 -0.69
H62 CXS C . 9.10 9.21 0.31
H71 CXS C . 7.71 8.93 2.09
H72 CXS C . 6.81 9.59 0.98
H81 CXS C . 5.43 7.96 1.18
H82 CXS C . 6.39 7.24 2.20
H91 CXS C . 6.48 6.88 -0.55
H92 CXS C . 5.91 5.83 0.50
#